data_8XQ2
#
_entry.id   8XQ2
#
_cell.length_a   39.949
_cell.length_b   41.183
_cell.length_c   87.351
_cell.angle_alpha   98.961
_cell.angle_beta   90.989
_cell.angle_gamma   100.694
#
_symmetry.space_group_name_H-M   'P 1'
#
loop_
_entity.id
_entity.type
_entity.pdbx_description
1 polymer 'Tyrosine-protein kinase SYK'
2 non-polymer GLYCEROL
3 non-polymer cyclopropyl-[1-(2-fluoranylethyl)-5-[[4-[4-[[(3~{R},4~{S})-3-methoxy-4-oxidanyl-pyrrolidin-1-yl]methyl]-3-methyl-pyrazol-1-yl]pyrimidin-2-yl]amino]indol-3-yl]methanone
4 water water
#
_entity_poly.entity_id   1
_entity_poly.type   'polypeptide(L)'
_entity_poly.pdbx_seq_one_letter_code
;EEIRPKEVYLDRKLLTLEDKELGSGNFGTVKKGYYQMKKVVKTVAVKILKNEANDPALKDELLAEANVMQQLDNPYIVRM
IGICEAESWMLVMEMAELGPLNKYLQQNRHVKDKNIIELVHQVSMGMKYLEESNFVHRDLAARNVLLVTQHYAKISDFGL
SKALRADENYYKAQTHGKWPVKWYAPECINYYKFSSKSDVWSFGVLMWEAFSYGQKPYRGMKGSEVTAMLEKGERMGCPA
GCPREMYDLMNLCWTYDVENRPGFAAVELRLRNYYYDVVNLEHHHHHHHH
;
_entity_poly.pdbx_strand_id   A,B
#
# COMPACT_ATOMS: atom_id res chain seq x y z
N VAL A 8 -13.10 -38.51 10.47
CA VAL A 8 -11.95 -38.77 11.33
C VAL A 8 -12.33 -38.63 12.79
N TYR A 9 -13.36 -39.36 13.21
CA TYR A 9 -13.80 -39.33 14.59
C TYR A 9 -13.05 -40.39 15.39
N LEU A 10 -12.30 -39.95 16.40
CA LEU A 10 -11.43 -40.84 17.16
C LEU A 10 -12.19 -41.55 18.27
N ASP A 11 -11.59 -42.62 18.77
CA ASP A 11 -12.14 -43.40 19.88
C ASP A 11 -11.58 -42.84 21.19
N ARG A 12 -12.47 -42.30 22.03
CA ARG A 12 -12.05 -41.72 23.30
C ARG A 12 -11.29 -42.72 24.15
N LYS A 13 -11.58 -44.02 24.01
CA LYS A 13 -10.87 -45.03 24.78
C LYS A 13 -9.40 -45.11 24.42
N LEU A 14 -9.02 -44.69 23.20
CA LEU A 14 -7.63 -44.69 22.77
C LEU A 14 -6.92 -43.37 23.07
N LEU A 15 -7.60 -42.41 23.67
CA LEU A 15 -7.02 -41.11 24.02
C LEU A 15 -6.83 -41.01 25.52
N THR A 16 -5.65 -40.57 25.94
CA THR A 16 -5.38 -40.27 27.34
C THR A 16 -4.94 -38.81 27.46
N LEU A 17 -5.61 -38.05 28.32
CA LEU A 17 -5.26 -36.65 28.56
C LEU A 17 -4.47 -36.53 29.85
N GLU A 18 -3.42 -35.72 29.82
CA GLU A 18 -2.70 -35.39 31.05
C GLU A 18 -3.58 -34.52 31.94
N ASP A 19 -3.24 -34.47 33.22
CA ASP A 19 -4.03 -33.70 34.17
C ASP A 19 -3.77 -32.20 34.02
N LYS A 20 -2.51 -31.80 33.99
CA LYS A 20 -2.16 -30.39 33.93
C LYS A 20 -2.26 -29.87 32.50
N GLU A 21 -2.88 -28.69 32.34
CA GLU A 21 -3.09 -28.14 31.01
C GLU A 21 -1.85 -27.42 30.50
N LEU A 22 -1.69 -27.39 29.17
CA LEU A 22 -0.62 -26.59 28.57
C LEU A 22 -0.97 -25.11 28.53
N GLY A 23 -2.24 -24.78 28.34
CA GLY A 23 -2.70 -23.40 28.27
C GLY A 23 -4.21 -23.36 28.16
N SER A 24 -4.75 -22.14 28.21
CA SER A 24 -6.18 -21.95 28.08
C SER A 24 -6.44 -20.51 27.68
N GLY A 25 -7.63 -20.28 27.14
CA GLY A 25 -8.03 -18.95 26.75
C GLY A 25 -9.49 -18.93 26.34
N ASN A 26 -9.88 -17.87 25.63
CA ASN A 26 -11.28 -17.76 25.20
C ASN A 26 -11.68 -18.88 24.24
N PHE A 27 -10.72 -19.63 23.70
CA PHE A 27 -10.99 -20.73 22.78
C PHE A 27 -11.30 -22.05 23.49
N GLY A 28 -10.98 -22.16 24.78
CA GLY A 28 -11.04 -23.42 25.50
C GLY A 28 -9.73 -23.73 26.20
N THR A 29 -9.32 -25.00 26.22
CA THR A 29 -8.07 -25.41 26.85
C THR A 29 -7.26 -26.27 25.89
N VAL A 30 -5.94 -26.29 26.12
CA VAL A 30 -5.04 -27.18 25.40
C VAL A 30 -4.37 -28.09 26.42
N LYS A 31 -4.45 -29.39 26.20
CA LYS A 31 -3.78 -30.36 27.03
C LYS A 31 -2.87 -31.23 26.19
N LYS A 32 -1.78 -31.70 26.81
CA LYS A 32 -0.98 -32.77 26.25
C LYS A 32 -1.66 -34.12 26.48
N GLY A 33 -1.57 -34.99 25.48
CA GLY A 33 -2.22 -36.27 25.56
C GLY A 33 -1.44 -37.33 24.80
N TYR A 34 -2.02 -38.52 24.75
CA TYR A 34 -1.43 -39.64 24.04
C TYR A 34 -2.55 -40.41 23.36
N TYR A 35 -2.34 -40.77 22.10
CA TYR A 35 -3.30 -41.53 21.32
C TYR A 35 -2.68 -42.83 20.86
N GLN A 36 -3.40 -43.93 21.10
CA GLN A 36 -2.95 -45.25 20.67
C GLN A 36 -3.25 -45.43 19.19
N MET A 37 -2.22 -45.74 18.40
CA MET A 37 -2.41 -45.91 16.98
C MET A 37 -2.12 -47.37 16.59
N LYS A 38 -1.68 -47.59 15.35
CA LYS A 38 -1.41 -48.94 14.83
C LYS A 38 -0.73 -49.82 15.87
N LYS A 39 0.46 -49.41 16.28
CA LYS A 39 1.28 -50.13 17.24
C LYS A 39 1.76 -49.19 18.34
N VAL A 40 2.33 -48.06 17.95
CA VAL A 40 2.95 -47.15 18.90
C VAL A 40 1.91 -46.17 19.44
N VAL A 41 2.31 -45.41 20.45
CA VAL A 41 1.48 -44.36 21.03
C VAL A 41 2.05 -43.02 20.60
N LYS A 42 1.17 -42.10 20.21
CA LYS A 42 1.55 -40.83 19.62
C LYS A 42 1.24 -39.70 20.60
N THR A 43 2.24 -38.85 20.85
CA THR A 43 2.03 -37.68 21.70
C THR A 43 1.20 -36.65 20.95
N VAL A 44 0.13 -36.14 21.59
CA VAL A 44 -0.78 -35.23 20.93
C VAL A 44 -1.01 -33.99 21.80
N ALA A 45 -1.37 -32.90 21.13
CA ALA A 45 -1.93 -31.72 21.77
C ALA A 45 -3.42 -31.72 21.46
N VAL A 46 -4.25 -31.46 22.46
CA VAL A 46 -5.70 -31.57 22.30
C VAL A 46 -6.31 -30.22 22.66
N LYS A 47 -7.04 -29.62 21.72
CA LYS A 47 -7.82 -28.43 21.99
C LYS A 47 -9.19 -28.90 22.46
N ILE A 48 -9.56 -28.50 23.67
CA ILE A 48 -10.77 -29.00 24.33
C ILE A 48 -11.70 -27.82 24.55
N LEU A 49 -12.93 -27.94 24.06
CA LEU A 49 -13.90 -26.85 24.18
C LEU A 49 -14.50 -26.84 25.58
N LYS A 50 -14.66 -25.64 26.12
CA LYS A 50 -15.26 -25.46 27.45
C LYS A 50 -16.60 -24.76 27.34
N PRO A 56 -24.40 -24.20 20.22
CA PRO A 56 -23.26 -23.28 20.35
C PRO A 56 -22.40 -23.19 19.08
N ALA A 57 -21.87 -21.99 18.86
CA ALA A 57 -21.09 -21.74 17.66
C ALA A 57 -19.69 -22.33 17.73
N LEU A 58 -19.15 -22.49 18.94
CA LEU A 58 -17.79 -23.01 19.07
C LEU A 58 -17.68 -24.45 18.58
N LYS A 59 -18.73 -25.26 18.77
CA LYS A 59 -18.72 -26.61 18.22
C LYS A 59 -18.57 -26.58 16.70
N ASP A 60 -19.39 -25.77 16.03
CA ASP A 60 -19.36 -25.72 14.57
C ASP A 60 -18.05 -25.14 14.06
N GLU A 61 -17.49 -24.17 14.78
CA GLU A 61 -16.19 -23.62 14.40
C GLU A 61 -15.10 -24.68 14.53
N LEU A 62 -15.15 -25.49 15.59
CA LEU A 62 -14.14 -26.52 15.76
C LEU A 62 -14.23 -27.55 14.63
N LEU A 63 -15.44 -27.92 14.26
CA LEU A 63 -15.62 -28.85 13.14
C LEU A 63 -15.14 -28.25 11.83
N ALA A 64 -15.41 -26.95 11.61
CA ALA A 64 -14.92 -26.29 10.42
C ALA A 64 -13.39 -26.20 10.44
N GLU A 65 -12.82 -25.93 11.63
CA GLU A 65 -11.37 -25.96 11.80
C GLU A 65 -10.80 -27.33 11.45
N ALA A 66 -11.46 -28.39 11.90
CA ALA A 66 -11.00 -29.74 11.60
C ALA A 66 -11.10 -30.04 10.10
N ASN A 67 -12.14 -29.54 9.45
CA ASN A 67 -12.32 -29.79 8.02
C ASN A 67 -11.19 -29.16 7.22
N VAL A 68 -10.77 -27.95 7.60
CA VAL A 68 -9.64 -27.31 6.93
C VAL A 68 -8.38 -28.15 7.10
N MET A 69 -8.04 -28.50 8.36
CA MET A 69 -6.80 -29.21 8.63
C MET A 69 -6.72 -30.56 7.92
N GLN A 70 -7.85 -31.25 7.76
CA GLN A 70 -7.82 -32.55 7.11
C GLN A 70 -7.47 -32.44 5.63
N GLN A 71 -7.78 -31.29 5.02
CA GLN A 71 -7.44 -31.08 3.62
C GLN A 71 -5.98 -30.66 3.43
N LEU A 72 -5.26 -30.39 4.51
CA LEU A 72 -3.92 -29.83 4.44
C LEU A 72 -2.90 -30.91 4.79
N ASP A 73 -1.86 -31.01 3.97
CA ASP A 73 -0.84 -32.04 4.10
C ASP A 73 0.50 -31.41 3.76
N ASN A 74 1.24 -30.95 4.78
CA ASN A 74 2.47 -30.21 4.55
C ASN A 74 3.34 -30.25 5.81
N PRO A 75 4.66 -30.41 5.67
CA PRO A 75 5.51 -30.48 6.87
C PRO A 75 5.47 -29.26 7.78
N TYR A 76 5.03 -28.09 7.30
CA TYR A 76 5.09 -26.86 8.08
C TYR A 76 3.71 -26.40 8.54
N ILE A 77 2.77 -27.33 8.61
CA ILE A 77 1.41 -27.09 9.08
C ILE A 77 1.09 -28.18 10.09
N VAL A 78 0.47 -27.79 11.21
CA VAL A 78 0.12 -28.78 12.23
C VAL A 78 -0.86 -29.79 11.64
N ARG A 79 -0.55 -31.06 11.84
CA ARG A 79 -1.37 -32.16 11.33
C ARG A 79 -2.42 -32.54 12.35
N MET A 80 -3.64 -32.75 11.87
CA MET A 80 -4.72 -33.18 12.74
C MET A 80 -4.79 -34.69 12.77
N ILE A 81 -4.92 -35.26 13.97
CA ILE A 81 -5.15 -36.70 14.09
C ILE A 81 -6.63 -37.00 13.93
N GLY A 82 -7.48 -36.22 14.58
CA GLY A 82 -8.91 -36.35 14.37
C GLY A 82 -9.68 -35.53 15.39
N ILE A 83 -10.99 -35.70 15.34
CA ILE A 83 -11.93 -35.10 16.28
C ILE A 83 -12.43 -36.21 17.19
N CYS A 84 -12.61 -35.89 18.47
CA CYS A 84 -13.18 -36.84 19.43
C CYS A 84 -14.38 -36.18 20.08
N GLU A 85 -15.54 -36.83 20.01
CA GLU A 85 -16.77 -36.34 20.62
C GLU A 85 -17.08 -37.21 21.83
N ALA A 86 -16.70 -36.72 23.02
CA ALA A 86 -16.92 -37.47 24.27
C ALA A 86 -16.62 -36.60 25.48
N GLU A 87 -17.60 -36.47 26.37
CA GLU A 87 -17.58 -35.59 27.54
C GLU A 87 -17.38 -34.13 27.16
N SER A 88 -16.50 -33.85 26.20
CA SER A 88 -16.46 -32.55 25.55
C SER A 88 -15.90 -32.72 24.14
N TRP A 89 -16.05 -31.67 23.33
CA TRP A 89 -15.55 -31.68 21.96
C TRP A 89 -14.05 -31.44 21.98
N MET A 90 -13.30 -32.27 21.24
CA MET A 90 -11.84 -32.24 21.26
C MET A 90 -11.27 -32.32 19.86
N LEU A 91 -10.28 -31.45 19.59
CA LEU A 91 -9.50 -31.48 18.35
C LEU A 91 -8.12 -32.04 18.68
N VAL A 92 -7.82 -33.23 18.18
CA VAL A 92 -6.59 -33.94 18.54
C VAL A 92 -5.56 -33.73 17.42
N MET A 93 -4.39 -33.21 17.79
CA MET A 93 -3.36 -32.82 16.84
C MET A 93 -2.01 -33.41 17.21
N GLU A 94 -1.16 -33.58 16.21
CA GLU A 94 0.23 -33.95 16.48
C GLU A 94 0.91 -32.86 17.31
N MET A 95 1.61 -33.27 18.37
CA MET A 95 2.15 -32.34 19.35
C MET A 95 3.40 -31.64 18.82
N ALA A 96 3.37 -30.31 18.81
CA ALA A 96 4.56 -29.48 18.61
C ALA A 96 5.04 -29.06 20.00
N GLU A 97 6.06 -29.76 20.51
CA GLU A 97 6.35 -29.79 21.95
C GLU A 97 6.68 -28.41 22.53
N LEU A 98 7.33 -27.54 21.77
CA LEU A 98 7.84 -26.30 22.33
C LEU A 98 6.79 -25.20 22.39
N GLY A 99 5.65 -25.35 21.72
CA GLY A 99 4.58 -24.39 21.84
C GLY A 99 4.77 -23.13 21.02
N PRO A 100 3.97 -22.12 21.34
CA PRO A 100 3.88 -20.95 20.47
C PRO A 100 5.20 -20.20 20.34
N LEU A 101 5.46 -19.71 19.12
CA LEU A 101 6.72 -19.07 18.79
C LEU A 101 6.95 -17.78 19.57
N ASN A 102 5.90 -16.96 19.75
CA ASN A 102 6.13 -15.69 20.43
C ASN A 102 6.53 -15.91 21.89
N LYS A 103 5.86 -16.83 22.58
CA LYS A 103 6.25 -17.15 23.95
C LYS A 103 7.67 -17.71 24.01
N TYR A 104 8.02 -18.58 23.05
CA TYR A 104 9.35 -19.19 23.07
C TYR A 104 10.44 -18.15 22.89
N LEU A 105 10.27 -17.24 21.94
CA LEU A 105 11.27 -16.21 21.74
C LEU A 105 11.33 -15.23 22.91
N GLN A 106 10.20 -14.96 23.56
CA GLN A 106 10.22 -14.12 24.76
C GLN A 106 11.13 -14.71 25.82
N GLN A 107 11.18 -16.04 25.91
CA GLN A 107 11.95 -16.75 26.93
C GLN A 107 13.34 -17.16 26.46
N ASN A 108 13.69 -16.88 25.20
CA ASN A 108 14.94 -17.36 24.63
C ASN A 108 15.53 -16.28 23.73
N ARG A 109 15.89 -15.15 24.34
CA ARG A 109 16.45 -14.04 23.58
C ARG A 109 17.81 -14.36 22.97
N HIS A 110 18.36 -15.54 23.23
CA HIS A 110 19.63 -15.95 22.65
C HIS A 110 19.51 -16.50 21.25
N VAL A 111 18.29 -16.82 20.79
CA VAL A 111 18.14 -17.41 19.46
C VAL A 111 18.74 -16.47 18.42
N LYS A 112 19.56 -17.03 17.52
CA LYS A 112 20.32 -16.21 16.60
C LYS A 112 19.49 -15.79 15.40
N ASP A 113 19.94 -14.74 14.71
CA ASP A 113 19.18 -14.23 13.58
C ASP A 113 19.06 -15.29 12.47
N LYS A 114 20.12 -16.04 12.20
CA LYS A 114 20.01 -17.07 11.17
C LYS A 114 18.98 -18.14 11.55
N ASN A 115 18.79 -18.37 12.85
CA ASN A 115 17.76 -19.30 13.33
C ASN A 115 16.36 -18.75 13.08
N ILE A 116 16.17 -17.47 13.34
CA ILE A 116 14.87 -16.85 13.10
C ILE A 116 14.56 -16.83 11.61
N ILE A 117 15.55 -16.58 10.77
CA ILE A 117 15.34 -16.66 9.32
C ILE A 117 14.86 -18.04 8.93
N GLU A 118 15.50 -19.08 9.48
CA GLU A 118 15.12 -20.45 9.19
C GLU A 118 13.64 -20.68 9.51
N LEU A 119 13.21 -20.20 10.68
CA LEU A 119 11.83 -20.44 11.13
C LEU A 119 10.82 -19.71 10.26
N VAL A 120 11.05 -18.42 10.01
CA VAL A 120 10.07 -17.67 9.21
C VAL A 120 10.09 -18.13 7.75
N HIS A 121 11.22 -18.62 7.23
CA HIS A 121 11.19 -19.23 5.91
C HIS A 121 10.32 -20.48 5.92
N GLN A 122 10.43 -21.30 6.97
CA GLN A 122 9.56 -22.46 7.09
C GLN A 122 8.10 -22.05 7.09
N VAL A 123 7.76 -20.99 7.82
CA VAL A 123 6.39 -20.48 7.79
C VAL A 123 6.01 -20.07 6.38
N SER A 124 6.92 -19.42 5.64
CA SER A 124 6.58 -19.04 4.27
C SER A 124 6.38 -20.26 3.38
N MET A 125 7.10 -21.36 3.64
CA MET A 125 6.86 -22.57 2.86
C MET A 125 5.49 -23.15 3.15
N GLY A 126 5.09 -23.20 4.42
CA GLY A 126 3.75 -23.64 4.72
C GLY A 126 2.70 -22.74 4.08
N MET A 127 2.94 -21.43 4.07
CA MET A 127 1.95 -20.52 3.49
C MET A 127 1.97 -20.57 1.97
N LYS A 128 3.14 -20.81 1.37
CA LYS A 128 3.19 -21.06 -0.07
C LYS A 128 2.27 -22.21 -0.45
N TYR A 129 2.30 -23.28 0.35
CA TYR A 129 1.41 -24.42 0.12
C TYR A 129 -0.03 -24.04 0.40
N LEU A 130 -0.28 -23.28 1.47
CA LEU A 130 -1.66 -22.84 1.72
C LEU A 130 -2.19 -22.02 0.55
N GLU A 131 -1.37 -21.12 0.03
CA GLU A 131 -1.78 -20.30 -1.11
C GLU A 131 -2.08 -21.16 -2.35
N GLU A 132 -1.23 -22.16 -2.61
CA GLU A 132 -1.47 -23.06 -3.73
C GLU A 132 -2.75 -23.85 -3.55
N SER A 133 -3.05 -24.25 -2.30
CA SER A 133 -4.28 -24.95 -2.00
C SER A 133 -5.50 -24.02 -1.96
N ASN A 134 -5.28 -22.72 -2.16
CA ASN A 134 -6.34 -21.71 -2.16
C ASN A 134 -7.15 -21.72 -0.86
N PHE A 135 -6.43 -21.78 0.27
CA PHE A 135 -6.97 -21.52 1.58
C PHE A 135 -6.43 -20.19 2.09
N VAL A 136 -7.24 -19.43 2.82
CA VAL A 136 -6.75 -18.23 3.50
C VAL A 136 -6.72 -18.49 5.00
N HIS A 137 -5.62 -18.11 5.65
CA HIS A 137 -5.49 -18.42 7.06
C HIS A 137 -6.34 -17.49 7.91
N ARG A 138 -6.17 -16.19 7.70
CA ARG A 138 -6.90 -15.07 8.30
C ARG A 138 -6.51 -14.84 9.76
N ASP A 139 -5.53 -15.56 10.30
CA ASP A 139 -5.08 -15.29 11.65
C ASP A 139 -3.58 -15.53 11.78
N LEU A 140 -2.83 -15.18 10.73
CA LEU A 140 -1.40 -15.47 10.73
C LEU A 140 -0.71 -14.51 11.68
N ALA A 141 -0.07 -15.05 12.70
CA ALA A 141 0.56 -14.25 13.75
C ALA A 141 1.56 -15.17 14.46
N ALA A 142 2.53 -14.56 15.16
CA ALA A 142 3.56 -15.36 15.80
C ALA A 142 2.99 -16.32 16.84
N ARG A 143 1.88 -15.95 17.49
CA ARG A 143 1.26 -16.84 18.46
C ARG A 143 0.70 -18.09 17.81
N ASN A 144 0.39 -18.05 16.52
CA ASN A 144 -0.14 -19.19 15.80
C ASN A 144 0.93 -19.89 14.97
N VAL A 145 2.19 -19.73 15.34
CA VAL A 145 3.27 -20.58 14.86
C VAL A 145 3.76 -21.39 16.05
N LEU A 146 3.86 -22.71 15.89
CA LEU A 146 4.25 -23.59 16.98
C LEU A 146 5.58 -24.26 16.63
N LEU A 147 6.43 -24.45 17.64
CA LEU A 147 7.76 -24.99 17.44
C LEU A 147 7.77 -26.48 17.77
N VAL A 148 8.12 -27.29 16.76
CA VAL A 148 8.44 -28.70 16.98
C VAL A 148 9.79 -28.81 17.67
N THR A 149 10.77 -28.07 17.16
CA THR A 149 12.07 -27.91 17.80
C THR A 149 12.44 -26.46 17.64
N GLN A 150 13.58 -26.06 18.22
CA GLN A 150 14.05 -24.72 17.93
C GLN A 150 14.32 -24.47 16.45
N HIS A 151 14.39 -25.51 15.61
CA HIS A 151 14.68 -25.35 14.19
C HIS A 151 13.57 -25.92 13.30
N TYR A 152 12.34 -25.93 13.77
CA TYR A 152 11.24 -26.54 13.01
C TYR A 152 9.95 -25.89 13.47
N ALA A 153 9.39 -25.02 12.64
CA ALA A 153 8.14 -24.32 12.93
C ALA A 153 7.00 -24.92 12.12
N LYS A 154 5.78 -24.83 12.67
CA LYS A 154 4.56 -25.24 12.00
C LYS A 154 3.48 -24.17 12.21
N ILE A 155 2.71 -23.91 11.16
CA ILE A 155 1.55 -23.01 11.27
C ILE A 155 0.41 -23.75 11.95
N SER A 156 -0.26 -23.08 12.89
CA SER A 156 -1.37 -23.66 13.63
C SER A 156 -2.61 -22.76 13.54
N ASP A 157 -3.67 -23.20 14.23
CA ASP A 157 -4.84 -22.37 14.52
C ASP A 157 -5.61 -21.95 13.28
N PHE A 158 -6.27 -22.92 12.66
CA PHE A 158 -7.05 -22.69 11.45
C PHE A 158 -8.51 -22.37 11.74
N GLY A 159 -8.81 -21.89 12.94
CA GLY A 159 -10.20 -21.63 13.30
C GLY A 159 -10.85 -20.50 12.51
N LEU A 160 -10.08 -19.59 11.94
CA LEU A 160 -10.63 -18.54 11.08
C LEU A 160 -10.43 -18.81 9.61
N SER A 161 -9.85 -19.96 9.24
CA SER A 161 -9.40 -20.19 7.88
C SER A 161 -10.59 -20.50 6.97
N LYS A 162 -10.42 -20.19 5.68
CA LYS A 162 -11.51 -20.37 4.73
C LYS A 162 -10.97 -20.99 3.46
N ALA A 163 -11.71 -21.95 2.91
CA ALA A 163 -11.42 -22.47 1.58
C ALA A 163 -12.03 -21.52 0.56
N LEU A 164 -11.21 -20.97 -0.33
CA LEU A 164 -11.72 -20.03 -1.32
C LEU A 164 -12.63 -20.75 -2.31
N ARG A 165 -13.67 -20.05 -2.75
CA ARG A 165 -14.52 -20.57 -3.81
C ARG A 165 -13.68 -20.79 -5.07
N ALA A 166 -14.12 -21.75 -5.88
CA ALA A 166 -13.42 -22.03 -7.12
C ALA A 166 -13.40 -20.85 -8.09
N ASP A 167 -14.31 -19.88 -7.94
CA ASP A 167 -14.39 -18.77 -8.87
C ASP A 167 -13.89 -17.44 -8.30
N GLU A 168 -13.45 -17.40 -7.04
CA GLU A 168 -12.98 -16.16 -6.43
C GLU A 168 -11.60 -16.37 -5.83
N ASN A 169 -10.85 -15.27 -5.70
CA ASN A 169 -9.56 -15.33 -5.03
C ASN A 169 -9.58 -14.62 -3.69
N TYR A 170 -10.76 -14.29 -3.16
CA TYR A 170 -10.88 -13.71 -1.83
C TYR A 170 -12.13 -14.24 -1.16
N TYR A 171 -12.11 -14.17 0.18
CA TYR A 171 -13.26 -14.46 1.02
C TYR A 171 -13.80 -13.12 1.52
N LYS A 172 -15.11 -12.95 1.44
CA LYS A 172 -15.76 -11.69 1.79
C LYS A 172 -16.51 -11.90 3.10
N ALA A 173 -16.03 -11.27 4.16
CA ALA A 173 -16.72 -11.32 5.44
C ALA A 173 -17.95 -10.42 5.39
N GLN A 174 -18.99 -10.81 6.14
CA GLN A 174 -20.24 -10.05 6.12
C GLN A 174 -20.17 -8.83 7.03
N THR A 175 -19.63 -8.97 8.22
CA THR A 175 -19.53 -7.86 9.16
C THR A 175 -18.08 -7.63 9.58
N PRO A 180 -8.13 -9.55 14.95
CA PRO A 180 -6.81 -9.00 15.32
C PRO A 180 -6.34 -7.93 14.33
N VAL A 181 -6.81 -6.70 14.54
CA VAL A 181 -6.67 -5.62 13.55
C VAL A 181 -5.20 -5.32 13.25
N LYS A 182 -4.31 -5.43 14.24
CA LYS A 182 -2.91 -5.11 14.02
C LYS A 182 -2.21 -6.08 13.07
N TRP A 183 -2.82 -7.22 12.75
CA TRP A 183 -2.27 -8.14 11.78
C TRP A 183 -2.97 -8.06 10.43
N TYR A 184 -4.03 -7.26 10.32
CA TYR A 184 -4.91 -7.28 9.15
C TYR A 184 -4.51 -6.23 8.11
N ALA A 185 -4.55 -6.62 6.85
CA ALA A 185 -4.23 -5.73 5.75
C ALA A 185 -5.33 -4.67 5.60
N PRO A 186 -5.00 -3.50 5.04
CA PRO A 186 -6.00 -2.43 4.95
C PRO A 186 -7.26 -2.85 4.23
N GLU A 187 -7.15 -3.65 3.16
CA GLU A 187 -8.36 -4.08 2.46
C GLU A 187 -9.23 -4.99 3.31
N CYS A 188 -8.67 -5.66 4.33
CA CYS A 188 -9.49 -6.40 5.28
C CYS A 188 -10.33 -5.46 6.13
N ILE A 189 -9.70 -4.42 6.66
CA ILE A 189 -10.39 -3.52 7.58
C ILE A 189 -11.45 -2.71 6.83
N ASN A 190 -11.14 -2.31 5.60
CA ASN A 190 -12.00 -1.43 4.84
C ASN A 190 -13.08 -2.17 4.03
N TYR A 191 -12.72 -3.28 3.40
CA TYR A 191 -13.61 -3.96 2.48
C TYR A 191 -13.98 -5.37 2.93
N TYR A 192 -13.49 -5.80 4.09
CA TYR A 192 -13.76 -7.14 4.62
C TYR A 192 -13.30 -8.23 3.66
N LYS A 193 -12.31 -7.94 2.82
CA LYS A 193 -11.84 -8.87 1.80
C LYS A 193 -10.54 -9.55 2.25
N PHE A 194 -10.55 -10.88 2.25
CA PHE A 194 -9.45 -11.70 2.75
C PHE A 194 -8.95 -12.58 1.63
N SER A 195 -7.65 -12.47 1.33
CA SER A 195 -7.03 -13.25 0.27
C SER A 195 -5.68 -13.72 0.74
N SER A 196 -5.00 -14.51 -0.10
CA SER A 196 -3.64 -14.88 0.25
C SER A 196 -2.75 -13.65 0.38
N LYS A 197 -3.05 -12.58 -0.38
CA LYS A 197 -2.30 -11.33 -0.23
C LYS A 197 -2.50 -10.72 1.16
N SER A 198 -3.70 -10.83 1.73
CA SER A 198 -3.83 -10.29 3.08
C SER A 198 -3.11 -11.17 4.09
N ASP A 199 -2.97 -12.48 3.81
CA ASP A 199 -2.11 -13.30 4.66
C ASP A 199 -0.64 -12.88 4.54
N VAL A 200 -0.23 -12.44 3.36
CA VAL A 200 1.14 -11.94 3.19
C VAL A 200 1.36 -10.70 4.06
N TRP A 201 0.37 -9.81 4.11
CA TRP A 201 0.47 -8.68 5.02
C TRP A 201 0.65 -9.14 6.45
N SER A 202 -0.20 -10.07 6.90
CA SER A 202 -0.05 -10.62 8.25
C SER A 202 1.31 -11.28 8.42
N PHE A 203 1.84 -11.91 7.36
CA PHE A 203 3.15 -12.53 7.45
C PHE A 203 4.23 -11.50 7.71
N GLY A 204 4.09 -10.29 7.13
CA GLY A 204 5.04 -9.23 7.45
C GLY A 204 5.03 -8.87 8.92
N VAL A 205 3.85 -8.80 9.52
CA VAL A 205 3.75 -8.53 10.95
C VAL A 205 4.36 -9.67 11.74
N LEU A 206 4.05 -10.92 11.36
CA LEU A 206 4.67 -12.08 12.00
C LEU A 206 6.20 -11.98 11.95
N MET A 207 6.75 -11.69 10.77
CA MET A 207 8.19 -11.48 10.67
C MET A 207 8.66 -10.43 11.67
N TRP A 208 7.99 -9.29 11.71
CA TRP A 208 8.39 -8.25 12.65
C TRP A 208 8.39 -8.79 14.08
N GLU A 209 7.35 -9.55 14.43
CA GLU A 209 7.27 -10.16 15.78
C GLU A 209 8.43 -11.08 16.04
N ALA A 210 8.77 -11.93 15.06
CA ALA A 210 9.79 -12.94 15.28
C ALA A 210 11.15 -12.30 15.47
N PHE A 211 11.49 -11.32 14.63
CA PHE A 211 12.77 -10.64 14.80
C PHE A 211 12.78 -9.70 15.98
N SER A 212 11.62 -9.42 16.59
CA SER A 212 11.51 -8.69 17.84
C SER A 212 11.37 -9.61 19.04
N TYR A 213 11.63 -10.90 18.87
CA TYR A 213 11.62 -11.88 19.96
C TYR A 213 10.30 -11.90 20.72
N GLY A 214 9.20 -11.81 19.98
CA GLY A 214 7.88 -12.03 20.55
C GLY A 214 7.20 -10.81 21.13
N GLN A 215 7.76 -9.62 20.94
CA GLN A 215 7.07 -8.40 21.33
C GLN A 215 5.85 -8.18 20.44
N LYS A 216 4.84 -7.50 21.01
CA LYS A 216 3.62 -7.17 20.29
C LYS A 216 3.86 -6.04 19.29
N PRO A 217 3.20 -6.09 18.14
CA PRO A 217 3.33 -5.01 17.16
C PRO A 217 2.50 -3.80 17.56
N TYR A 218 2.92 -2.63 17.04
CA TYR A 218 2.22 -1.36 17.26
C TYR A 218 1.95 -1.10 18.74
N ARG A 219 3.01 -1.21 19.54
CA ARG A 219 2.90 -1.10 20.99
C ARG A 219 2.13 0.17 21.38
N GLY A 220 1.18 0.02 22.30
CA GLY A 220 0.49 1.15 22.88
C GLY A 220 -0.49 1.87 21.98
N MET A 221 -0.79 1.34 20.81
CA MET A 221 -1.71 1.99 19.87
C MET A 221 -3.03 1.22 19.80
N LYS A 222 -4.12 1.96 19.61
CA LYS A 222 -5.41 1.36 19.34
C LYS A 222 -5.54 1.05 17.84
N GLY A 223 -6.54 0.24 17.51
CA GLY A 223 -6.72 -0.17 16.12
C GLY A 223 -6.88 1.00 15.17
N SER A 224 -7.73 1.96 15.55
CA SER A 224 -7.95 3.13 14.68
C SER A 224 -6.68 3.93 14.48
N GLU A 225 -5.80 3.95 15.49
CA GLU A 225 -4.52 4.65 15.35
C GLU A 225 -3.57 3.89 14.42
N VAL A 226 -3.62 2.55 14.45
CA VAL A 226 -2.82 1.78 13.51
C VAL A 226 -3.30 2.05 12.10
N THR A 227 -4.62 2.01 11.90
CA THR A 227 -5.19 2.27 10.58
C THR A 227 -4.75 3.62 10.05
N ALA A 228 -4.82 4.66 10.88
CA ALA A 228 -4.44 6.00 10.45
C ALA A 228 -2.94 6.09 10.16
N MET A 229 -2.12 5.37 10.92
CA MET A 229 -0.68 5.37 10.68
C MET A 229 -0.36 4.78 9.31
N LEU A 230 -0.97 3.64 9.00
CA LEU A 230 -0.71 3.00 7.71
C LEU A 230 -1.22 3.84 6.55
N GLU A 231 -2.35 4.53 6.74
CA GLU A 231 -2.90 5.40 5.70
C GLU A 231 -1.92 6.50 5.32
N LYS A 232 -1.15 7.00 6.28
CA LYS A 232 -0.15 8.02 6.03
C LYS A 232 1.08 7.47 5.32
N GLY A 233 1.13 6.16 5.10
CA GLY A 233 2.31 5.55 4.51
C GLY A 233 3.39 5.21 5.49
N GLU A 234 3.12 5.28 6.80
CA GLU A 234 4.12 4.95 7.80
C GLU A 234 4.04 3.47 8.16
N ARG A 235 5.19 2.91 8.52
CA ARG A 235 5.31 1.50 8.87
C ARG A 235 6.15 1.36 10.13
N MET A 236 6.00 0.21 10.79
CA MET A 236 6.83 -0.08 11.96
C MET A 236 8.30 -0.07 11.59
N GLY A 237 9.14 0.29 12.56
CA GLY A 237 10.57 0.37 12.34
C GLY A 237 11.25 -1.00 12.30
N CYS A 238 12.55 -0.97 12.01
CA CYS A 238 13.33 -2.20 11.91
C CYS A 238 13.69 -2.72 13.29
N PRO A 239 13.37 -3.97 13.63
CA PRO A 239 13.71 -4.48 14.97
C PRO A 239 15.21 -4.50 15.19
N ALA A 240 15.62 -4.25 16.44
CA ALA A 240 17.03 -4.26 16.81
C ALA A 240 17.69 -5.58 16.42
N GLY A 241 18.75 -5.49 15.62
CA GLY A 241 19.47 -6.66 15.16
C GLY A 241 18.89 -7.35 13.95
N CYS A 242 17.76 -6.89 13.43
CA CYS A 242 17.14 -7.56 12.31
C CYS A 242 17.96 -7.33 11.04
N PRO A 243 18.30 -8.38 10.28
CA PRO A 243 18.99 -8.18 9.01
C PRO A 243 18.22 -7.22 8.12
N ARG A 244 18.96 -6.31 7.47
CA ARG A 244 18.31 -5.29 6.64
C ARG A 244 17.45 -5.93 5.55
N GLU A 245 17.93 -7.02 4.94
CA GLU A 245 17.15 -7.67 3.89
C GLU A 245 15.84 -8.23 4.42
N MET A 246 15.81 -8.67 5.67
CA MET A 246 14.57 -9.14 6.26
C MET A 246 13.61 -7.99 6.55
N TYR A 247 14.13 -6.85 7.00
CA TYR A 247 13.27 -5.70 7.18
C TYR A 247 12.74 -5.20 5.84
N ASP A 248 13.57 -5.23 4.79
CA ASP A 248 13.09 -4.86 3.46
C ASP A 248 11.97 -5.78 3.01
N LEU A 249 12.06 -7.07 3.35
CA LEU A 249 10.99 -8.00 2.98
C LEU A 249 9.70 -7.70 3.72
N MET A 250 9.79 -7.33 5.01
CA MET A 250 8.60 -6.92 5.75
C MET A 250 7.88 -5.79 5.05
N ASN A 251 8.64 -4.77 4.65
CA ASN A 251 8.02 -3.60 4.01
C ASN A 251 7.36 -3.97 2.70
N LEU A 252 7.94 -4.91 1.96
CA LEU A 252 7.27 -5.39 0.75
C LEU A 252 5.97 -6.09 1.09
N CYS A 253 5.96 -6.88 2.17
CA CYS A 253 4.72 -7.52 2.62
C CYS A 253 3.67 -6.48 3.00
N TRP A 254 4.10 -5.32 3.49
CA TRP A 254 3.16 -4.26 3.88
C TRP A 254 2.88 -3.29 2.73
N THR A 255 2.91 -3.78 1.50
CA THR A 255 2.50 -2.97 0.36
C THR A 255 1.01 -2.69 0.46
N TYR A 256 0.62 -1.41 0.37
CA TYR A 256 -0.77 -1.05 0.63
C TYR A 256 -1.72 -1.64 -0.42
N ASP A 257 -1.40 -1.48 -1.70
CA ASP A 257 -2.31 -1.99 -2.74
C ASP A 257 -2.15 -3.49 -2.91
N VAL A 258 -3.28 -4.21 -2.93
CA VAL A 258 -3.29 -5.66 -3.01
C VAL A 258 -2.52 -6.16 -4.23
N GLU A 259 -2.75 -5.53 -5.39
CA GLU A 259 -2.21 -6.10 -6.63
C GLU A 259 -0.68 -6.05 -6.66
N ASN A 260 -0.08 -4.99 -6.11
CA ASN A 260 1.37 -4.88 -6.11
C ASN A 260 2.04 -5.65 -4.97
N ARG A 261 1.29 -6.01 -3.94
CA ARG A 261 1.85 -6.82 -2.86
C ARG A 261 2.25 -8.19 -3.41
N PRO A 262 3.39 -8.75 -3.01
CA PRO A 262 3.76 -10.09 -3.51
C PRO A 262 2.85 -11.16 -2.95
N GLY A 263 2.80 -12.29 -3.65
CA GLY A 263 2.21 -13.50 -3.11
C GLY A 263 3.25 -14.32 -2.37
N PHE A 264 2.81 -15.46 -1.83
CA PHE A 264 3.73 -16.24 -1.03
C PHE A 264 4.80 -16.94 -1.86
N ALA A 265 4.55 -17.22 -3.14
CA ALA A 265 5.63 -17.77 -3.97
C ALA A 265 6.81 -16.81 -3.98
N ALA A 266 6.56 -15.53 -4.19
CA ALA A 266 7.65 -14.55 -4.24
C ALA A 266 8.27 -14.36 -2.87
N VAL A 267 7.45 -14.37 -1.82
CA VAL A 267 7.98 -14.20 -0.47
C VAL A 267 8.85 -15.40 -0.10
N GLU A 268 8.36 -16.62 -0.32
CA GLU A 268 9.13 -17.81 0.03
C GLU A 268 10.47 -17.84 -0.70
N LEU A 269 10.47 -17.48 -1.98
CA LEU A 269 11.72 -17.55 -2.74
C LEU A 269 12.73 -16.52 -2.24
N ARG A 270 12.26 -15.32 -1.90
CA ARG A 270 13.14 -14.31 -1.32
C ARG A 270 13.75 -14.81 -0.02
N LEU A 271 12.94 -15.40 0.85
CA LEU A 271 13.47 -15.97 2.09
C LEU A 271 14.40 -17.15 1.78
N ARG A 272 14.05 -17.99 0.81
CA ARG A 272 14.89 -19.14 0.50
C ARG A 272 16.26 -18.68 0.04
N ASN A 273 16.29 -17.68 -0.85
CA ASN A 273 17.55 -17.17 -1.35
C ASN A 273 18.38 -16.55 -0.24
N TYR A 274 17.74 -15.74 0.61
CA TYR A 274 18.52 -15.09 1.67
C TYR A 274 19.02 -16.09 2.69
N TYR A 275 18.20 -17.08 3.05
CA TYR A 275 18.62 -18.08 4.04
C TYR A 275 19.86 -18.82 3.56
N TYR A 276 19.84 -19.31 2.32
CA TYR A 276 20.98 -20.06 1.82
C TYR A 276 22.20 -19.16 1.57
N ASP A 277 21.99 -17.87 1.36
CA ASP A 277 23.13 -16.96 1.28
C ASP A 277 23.77 -16.77 2.66
N VAL A 278 22.98 -16.77 3.73
CA VAL A 278 23.55 -16.78 5.07
C VAL A 278 24.23 -18.12 5.34
N VAL A 279 23.54 -19.22 5.07
CA VAL A 279 24.06 -20.57 5.31
C VAL A 279 25.38 -20.79 4.57
N TYR B 9 20.47 17.06 2.63
CA TYR B 9 21.23 16.05 1.90
C TYR B 9 21.10 14.68 2.59
N LEU B 10 20.05 13.96 2.21
CA LEU B 10 19.62 12.77 2.95
C LEU B 10 20.71 11.71 2.97
N ASP B 11 20.64 10.85 3.99
CA ASP B 11 21.59 9.77 4.18
C ASP B 11 21.11 8.57 3.36
N ARG B 12 21.90 8.18 2.36
CA ARG B 12 21.53 7.05 1.50
C ARG B 12 21.32 5.78 2.30
N LYS B 13 22.00 5.63 3.44
CA LYS B 13 21.85 4.43 4.26
C LYS B 13 20.42 4.29 4.76
N LEU B 14 19.75 5.40 5.07
CA LEU B 14 18.40 5.38 5.59
C LEU B 14 17.32 5.16 4.53
N LEU B 15 17.71 4.82 3.29
CA LEU B 15 16.75 4.70 2.20
C LEU B 15 16.88 3.33 1.54
N THR B 16 15.76 2.64 1.36
CA THR B 16 15.70 1.39 0.63
C THR B 16 14.83 1.58 -0.60
N LEU B 17 15.34 1.15 -1.75
CA LEU B 17 14.62 1.26 -3.02
C LEU B 17 14.17 -0.11 -3.48
N GLU B 18 12.92 -0.21 -3.93
CA GLU B 18 12.46 -1.44 -4.57
C GLU B 18 13.08 -1.57 -5.96
N ASP B 19 13.43 -2.79 -6.34
CA ASP B 19 14.07 -3.02 -7.63
C ASP B 19 13.13 -2.68 -8.78
N LYS B 20 11.85 -3.03 -8.65
CA LYS B 20 10.87 -2.61 -9.63
C LYS B 20 10.87 -1.09 -9.76
N GLU B 21 10.57 -0.61 -10.95
CA GLU B 21 10.39 0.81 -11.20
C GLU B 21 8.90 1.09 -11.31
N LEU B 22 8.47 2.21 -10.73
CA LEU B 22 7.09 2.65 -10.95
C LEU B 22 6.93 3.18 -12.36
N GLY B 23 7.93 3.88 -12.87
CA GLY B 23 7.87 4.44 -14.20
C GLY B 23 9.21 5.02 -14.58
N SER B 24 9.31 5.43 -15.84
CA SER B 24 10.56 5.97 -16.36
C SER B 24 10.26 6.99 -17.44
N GLY B 25 11.31 7.64 -17.90
CA GLY B 25 11.17 8.66 -18.93
C GLY B 25 12.50 9.36 -19.16
N ASN B 26 12.42 10.53 -19.80
CA ASN B 26 13.64 11.30 -20.07
C ASN B 26 14.22 11.90 -18.79
N PHE B 27 13.36 12.22 -17.81
CA PHE B 27 13.84 12.74 -16.55
C PHE B 27 14.73 11.73 -15.83
N GLY B 28 14.39 10.46 -15.94
CA GLY B 28 15.04 9.40 -15.20
C GLY B 28 14.04 8.28 -14.91
N THR B 29 14.07 7.78 -13.68
CA THR B 29 13.16 6.74 -13.22
C THR B 29 12.51 7.17 -11.91
N VAL B 30 11.33 6.61 -11.65
CA VAL B 30 10.63 6.79 -10.39
C VAL B 30 10.52 5.42 -9.73
N LYS B 31 10.92 5.34 -8.46
CA LYS B 31 10.94 4.08 -7.73
C LYS B 31 10.25 4.26 -6.38
N LYS B 32 9.54 3.21 -5.98
CA LYS B 32 9.05 3.14 -4.61
C LYS B 32 10.21 2.87 -3.65
N GLY B 33 10.15 3.47 -2.48
CA GLY B 33 11.19 3.29 -1.49
C GLY B 33 10.63 3.44 -0.10
N TYR B 34 11.48 3.17 0.88
CA TYR B 34 11.13 3.34 2.28
C TYR B 34 12.28 4.07 2.95
N TYR B 35 11.97 5.13 3.67
CA TYR B 35 12.97 5.98 4.30
C TYR B 35 12.76 5.98 5.81
N GLN B 36 13.85 5.82 6.57
CA GLN B 36 13.78 5.81 8.02
C GLN B 36 13.68 7.24 8.57
N MET B 37 12.55 7.55 9.22
CA MET B 37 12.34 8.88 9.79
C MET B 37 12.77 8.86 11.25
N LYS B 38 12.32 9.85 12.03
CA LYS B 38 12.57 9.91 13.47
C LYS B 38 12.39 8.55 14.14
N LYS B 39 11.21 7.94 13.94
CA LYS B 39 10.95 6.62 14.49
C LYS B 39 10.32 5.70 13.45
N VAL B 40 9.16 6.10 12.91
CA VAL B 40 8.52 5.28 11.89
C VAL B 40 9.32 5.36 10.59
N VAL B 41 9.13 4.36 9.76
CA VAL B 41 9.66 4.37 8.40
C VAL B 41 8.56 4.89 7.48
N LYS B 42 8.96 5.69 6.50
CA LYS B 42 8.01 6.44 5.67
C LYS B 42 8.11 5.96 4.23
N THR B 43 6.96 5.64 3.64
CA THR B 43 6.94 5.21 2.25
C THR B 43 7.19 6.42 1.38
N VAL B 44 8.11 6.28 0.42
CA VAL B 44 8.54 7.42 -0.39
C VAL B 44 8.51 7.03 -1.86
N ALA B 45 8.32 8.03 -2.70
CA ALA B 45 8.56 7.91 -4.13
C ALA B 45 9.83 8.68 -4.45
N VAL B 46 10.71 8.10 -5.27
CA VAL B 46 12.04 8.64 -5.50
C VAL B 46 12.21 8.88 -7.00
N LYS B 47 12.45 10.13 -7.38
CA LYS B 47 12.83 10.46 -8.74
C LYS B 47 14.33 10.34 -8.85
N ILE B 48 14.81 9.47 -9.74
CA ILE B 48 16.23 9.12 -9.81
C ILE B 48 16.76 9.57 -11.17
N LEU B 49 17.68 10.54 -11.13
CA LEU B 49 18.36 11.00 -12.33
C LEU B 49 19.31 9.94 -12.85
N LYS B 50 19.28 9.69 -14.15
CA LYS B 50 20.12 8.66 -14.75
C LYS B 50 21.40 9.31 -15.24
N ASN B 51 22.54 8.83 -14.75
CA ASN B 51 23.85 9.46 -14.96
C ASN B 51 24.16 9.75 -16.42
N LEU B 58 20.81 18.70 -15.91
CA LEU B 58 19.69 17.95 -15.34
C LEU B 58 19.77 17.93 -13.81
N LYS B 59 20.99 17.89 -13.29
CA LYS B 59 21.17 17.91 -11.83
C LYS B 59 20.67 19.22 -11.23
N ASP B 60 21.10 20.35 -11.80
CA ASP B 60 20.68 21.65 -11.27
C ASP B 60 19.18 21.85 -11.42
N GLU B 61 18.56 21.24 -12.44
CA GLU B 61 17.11 21.29 -12.54
C GLU B 61 16.47 20.52 -11.40
N LEU B 62 17.01 19.35 -11.07
CA LEU B 62 16.51 18.60 -9.91
C LEU B 62 16.67 19.41 -8.63
N LEU B 63 17.82 20.06 -8.46
CA LEU B 63 18.03 20.86 -7.25
C LEU B 63 17.11 22.08 -7.21
N ALA B 64 16.81 22.68 -8.37
CA ALA B 64 15.86 23.78 -8.41
C ALA B 64 14.44 23.30 -8.13
N GLU B 65 14.10 22.11 -8.62
CA GLU B 65 12.83 21.48 -8.27
C GLU B 65 12.71 21.27 -6.76
N ALA B 66 13.77 20.76 -6.14
CA ALA B 66 13.76 20.63 -4.69
C ALA B 66 13.60 21.98 -4.01
N ASN B 67 14.26 23.02 -4.53
CA ASN B 67 14.16 24.32 -3.89
C ASN B 67 12.74 24.87 -3.94
N VAL B 68 12.00 24.60 -5.02
CA VAL B 68 10.59 24.98 -5.06
C VAL B 68 9.80 24.22 -4.02
N MET B 69 9.92 22.88 -4.01
CA MET B 69 9.07 22.08 -3.13
C MET B 69 9.32 22.39 -1.67
N GLN B 70 10.57 22.72 -1.32
CA GLN B 70 10.90 23.01 0.07
C GLN B 70 10.20 24.26 0.58
N GLN B 71 9.73 25.14 -0.30
CA GLN B 71 9.01 26.34 0.09
C GLN B 71 7.50 26.15 0.15
N LEU B 72 6.99 24.96 -0.16
CA LEU B 72 5.56 24.72 -0.29
C LEU B 72 5.08 23.81 0.83
N ASP B 73 4.00 24.22 1.49
CA ASP B 73 3.36 23.42 2.53
C ASP B 73 1.86 23.55 2.36
N ASN B 74 1.22 22.47 1.89
CA ASN B 74 -0.20 22.45 1.60
C ASN B 74 -0.64 21.01 1.47
N PRO B 75 -1.85 20.67 1.92
CA PRO B 75 -2.31 19.26 1.84
C PRO B 75 -2.41 18.71 0.41
N TYR B 76 -2.51 19.56 -0.60
CA TYR B 76 -2.79 19.12 -1.96
C TYR B 76 -1.60 19.28 -2.89
N ILE B 77 -0.39 19.35 -2.31
CA ILE B 77 0.86 19.42 -3.03
C ILE B 77 1.77 18.35 -2.46
N VAL B 78 2.46 17.61 -3.33
CA VAL B 78 3.40 16.58 -2.89
C VAL B 78 4.48 17.20 -2.01
N ARG B 79 4.70 16.61 -0.84
CA ARG B 79 5.74 17.08 0.07
C ARG B 79 7.07 16.41 -0.24
N MET B 80 8.13 17.21 -0.24
CA MET B 80 9.46 16.70 -0.46
C MET B 80 10.09 16.27 0.86
N ILE B 81 10.74 15.11 0.85
CA ILE B 81 11.56 14.68 1.99
C ILE B 81 12.95 15.30 1.89
N GLY B 82 13.63 15.09 0.78
CA GLY B 82 14.92 15.72 0.56
C GLY B 82 15.58 15.20 -0.69
N ILE B 83 16.76 15.76 -0.95
CA ILE B 83 17.66 15.31 -2.01
C ILE B 83 18.62 14.30 -1.42
N CYS B 84 18.97 13.28 -2.19
CA CYS B 84 19.98 12.32 -1.78
C CYS B 84 20.99 12.13 -2.91
N GLU B 85 22.26 12.31 -2.59
CA GLU B 85 23.35 12.18 -3.56
C GLU B 85 24.12 10.91 -3.24
N ALA B 86 23.97 9.89 -4.08
CA ALA B 86 24.65 8.62 -3.88
C ALA B 86 25.05 8.03 -5.23
N GLU B 87 24.62 6.80 -5.51
CA GLU B 87 24.91 6.23 -6.82
C GLU B 87 24.32 7.06 -7.94
N SER B 88 23.21 7.77 -7.66
CA SER B 88 22.61 8.72 -8.57
C SER B 88 22.08 9.89 -7.75
N TRP B 89 21.67 10.95 -8.45
CA TRP B 89 20.94 12.03 -7.81
C TRP B 89 19.47 11.66 -7.67
N MET B 90 18.91 11.91 -6.49
CA MET B 90 17.58 11.44 -6.15
C MET B 90 16.79 12.52 -5.43
N LEU B 91 15.51 12.65 -5.79
CA LEU B 91 14.57 13.53 -5.12
C LEU B 91 13.57 12.64 -4.38
N VAL B 92 13.59 12.70 -3.05
CA VAL B 92 12.81 11.79 -2.21
C VAL B 92 11.56 12.54 -1.73
N MET B 93 10.40 11.95 -1.99
CA MET B 93 9.12 12.59 -1.79
C MET B 93 8.18 11.66 -1.04
N GLU B 94 7.23 12.25 -0.31
CA GLU B 94 6.18 11.45 0.29
C GLU B 94 5.38 10.76 -0.80
N MET B 95 5.15 9.46 -0.64
CA MET B 95 4.56 8.64 -1.67
C MET B 95 3.04 8.85 -1.77
N ALA B 96 2.56 9.23 -2.96
CA ALA B 96 1.14 9.17 -3.29
C ALA B 96 0.91 7.85 -4.03
N GLU B 97 0.33 6.87 -3.34
CA GLU B 97 0.49 5.48 -3.75
C GLU B 97 -0.21 5.15 -5.06
N LEU B 98 -1.31 5.83 -5.38
CA LEU B 98 -2.08 5.45 -6.56
C LEU B 98 -1.53 6.01 -7.86
N GLY B 99 -0.68 7.03 -7.81
CA GLY B 99 0.02 7.46 -9.00
C GLY B 99 -0.74 8.49 -9.82
N PRO B 100 -0.31 8.68 -11.06
CA PRO B 100 -0.86 9.78 -11.87
C PRO B 100 -2.35 9.62 -12.13
N LEU B 101 -3.06 10.76 -12.09
CA LEU B 101 -4.51 10.77 -12.24
C LEU B 101 -4.95 10.26 -13.60
N ASN B 102 -4.28 10.69 -14.69
CA ASN B 102 -4.72 10.26 -16.02
C ASN B 102 -4.63 8.75 -16.16
N LYS B 103 -3.53 8.16 -15.69
CA LYS B 103 -3.35 6.71 -15.73
C LYS B 103 -4.42 6.00 -14.91
N TYR B 104 -4.71 6.52 -13.72
CA TYR B 104 -5.69 5.87 -12.85
C TYR B 104 -7.07 5.85 -13.49
N LEU B 105 -7.53 7.02 -13.95
CA LEU B 105 -8.86 7.12 -14.55
C LEU B 105 -9.01 6.23 -15.77
N GLN B 106 -7.95 6.07 -16.55
CA GLN B 106 -8.04 5.20 -17.72
C GLN B 106 -8.42 3.78 -17.33
N GLN B 107 -7.89 3.30 -16.21
CA GLN B 107 -8.13 1.95 -15.74
C GLN B 107 -9.33 1.84 -14.83
N ASN B 108 -10.01 2.96 -14.52
CA ASN B 108 -11.13 2.96 -13.59
C ASN B 108 -12.26 3.82 -14.16
N ARG B 109 -12.84 3.35 -15.27
CA ARG B 109 -13.96 4.05 -15.91
C ARG B 109 -15.19 4.14 -15.02
N HIS B 110 -15.23 3.39 -13.91
CA HIS B 110 -16.35 3.38 -12.99
C HIS B 110 -16.37 4.58 -12.05
N VAL B 111 -15.25 5.30 -11.94
CA VAL B 111 -15.20 6.45 -11.03
C VAL B 111 -16.30 7.42 -11.39
N LYS B 112 -17.09 7.81 -10.38
CA LYS B 112 -18.27 8.63 -10.63
C LYS B 112 -17.86 10.06 -10.92
N ASP B 113 -18.77 10.78 -11.60
CA ASP B 113 -18.54 12.19 -11.85
C ASP B 113 -18.43 12.99 -10.57
N LYS B 114 -19.18 12.61 -9.53
CA LYS B 114 -19.03 13.26 -8.24
C LYS B 114 -17.61 13.06 -7.69
N ASN B 115 -17.03 11.89 -7.91
CA ASN B 115 -15.66 11.64 -7.46
C ASN B 115 -14.67 12.50 -8.22
N ILE B 116 -14.85 12.62 -9.54
CA ILE B 116 -13.94 13.44 -10.34
C ILE B 116 -14.03 14.89 -9.92
N ILE B 117 -15.23 15.34 -9.53
CA ILE B 117 -15.38 16.73 -9.09
C ILE B 117 -14.60 16.96 -7.80
N GLU B 118 -14.69 16.01 -6.85
CA GLU B 118 -13.97 16.14 -5.60
C GLU B 118 -12.47 16.28 -5.86
N LEU B 119 -11.95 15.50 -6.80
CA LEU B 119 -10.51 15.51 -7.05
C LEU B 119 -10.05 16.81 -7.71
N VAL B 120 -10.75 17.25 -8.77
CA VAL B 120 -10.31 18.49 -9.42
C VAL B 120 -10.51 19.68 -8.50
N HIS B 121 -11.50 19.62 -7.60
CA HIS B 121 -11.62 20.67 -6.62
C HIS B 121 -10.43 20.69 -5.68
N GLN B 122 -9.92 19.51 -5.32
CA GLN B 122 -8.72 19.47 -4.49
C GLN B 122 -7.53 20.10 -5.21
N VAL B 123 -7.42 19.86 -6.52
CA VAL B 123 -6.34 20.48 -7.29
C VAL B 123 -6.49 22.00 -7.30
N SER B 124 -7.73 22.49 -7.41
CA SER B 124 -7.94 23.94 -7.38
C SER B 124 -7.62 24.52 -6.01
N MET B 125 -7.74 23.73 -4.94
CA MET B 125 -7.38 24.26 -3.63
C MET B 125 -5.86 24.40 -3.50
N GLY B 126 -5.12 23.42 -4.03
CA GLY B 126 -3.66 23.53 -4.01
C GLY B 126 -3.15 24.63 -4.94
N MET B 127 -3.80 24.83 -6.08
CA MET B 127 -3.39 25.90 -6.98
C MET B 127 -3.77 27.27 -6.43
N LYS B 128 -4.91 27.36 -5.75
CA LYS B 128 -5.23 28.56 -4.98
C LYS B 128 -4.08 28.91 -4.04
N TYR B 129 -3.54 27.91 -3.34
CA TYR B 129 -2.39 28.13 -2.46
C TYR B 129 -1.16 28.53 -3.26
N LEU B 130 -0.88 27.81 -4.34
CA LEU B 130 0.23 28.15 -5.23
C LEU B 130 0.12 29.59 -5.71
N GLU B 131 -1.07 29.99 -6.12
CA GLU B 131 -1.32 31.36 -6.57
C GLU B 131 -1.07 32.36 -5.43
N GLU B 132 -1.56 32.05 -4.23
CA GLU B 132 -1.34 32.93 -3.08
C GLU B 132 0.15 33.06 -2.77
N SER B 133 0.91 31.98 -2.96
CA SER B 133 2.36 32.00 -2.75
C SER B 133 3.11 32.61 -3.91
N ASN B 134 2.40 33.03 -4.97
CA ASN B 134 3.00 33.63 -6.15
C ASN B 134 4.09 32.74 -6.75
N PHE B 135 3.80 31.44 -6.83
CA PHE B 135 4.53 30.50 -7.67
C PHE B 135 3.66 30.13 -8.86
N VAL B 136 4.28 30.00 -10.04
CA VAL B 136 3.58 29.50 -11.22
C VAL B 136 4.08 28.08 -11.48
N HIS B 137 3.15 27.17 -11.75
CA HIS B 137 3.50 25.75 -11.89
C HIS B 137 4.11 25.45 -13.26
N ARG B 138 3.46 25.90 -14.34
CA ARG B 138 3.89 25.83 -15.73
C ARG B 138 3.85 24.43 -16.31
N ASP B 139 3.30 23.46 -15.61
CA ASP B 139 3.14 22.12 -16.16
C ASP B 139 1.92 21.46 -15.56
N LEU B 140 0.84 22.21 -15.39
CA LEU B 140 -0.34 21.68 -14.74
C LEU B 140 -1.08 20.79 -15.73
N ALA B 141 -1.14 19.49 -15.43
CA ALA B 141 -1.76 18.52 -16.33
C ALA B 141 -2.17 17.32 -15.52
N ALA B 142 -3.05 16.49 -16.09
CA ALA B 142 -3.56 15.34 -15.35
C ALA B 142 -2.43 14.42 -14.92
N ARG B 143 -1.41 14.25 -15.76
CA ARG B 143 -0.27 13.40 -15.43
C ARG B 143 0.47 13.90 -14.20
N ASN B 144 0.39 15.20 -13.90
CA ASN B 144 1.06 15.77 -12.75
C ASN B 144 0.11 15.98 -11.58
N VAL B 145 -0.98 15.22 -11.54
CA VAL B 145 -1.80 15.07 -10.35
C VAL B 145 -1.66 13.63 -9.88
N LEU B 146 -1.27 13.47 -8.63
CA LEU B 146 -1.02 12.14 -8.07
C LEU B 146 -2.08 11.81 -7.03
N LEU B 147 -2.53 10.56 -7.03
CA LEU B 147 -3.60 10.15 -6.12
C LEU B 147 -3.00 9.52 -4.87
N VAL B 148 -3.33 10.10 -3.72
CA VAL B 148 -3.03 9.47 -2.44
C VAL B 148 -4.02 8.34 -2.17
N THR B 149 -5.31 8.65 -2.33
CA THR B 149 -6.38 7.66 -2.43
C THR B 149 -7.25 8.05 -3.60
N GLN B 150 -8.27 7.24 -3.86
CA GLN B 150 -9.24 7.61 -4.89
C GLN B 150 -9.96 8.91 -4.54
N HIS B 151 -9.89 9.35 -3.29
CA HIS B 151 -10.59 10.56 -2.86
C HIS B 151 -9.63 11.65 -2.36
N TYR B 152 -8.37 11.61 -2.79
CA TYR B 152 -7.37 12.55 -2.29
C TYR B 152 -6.29 12.72 -3.36
N ALA B 153 -6.26 13.89 -3.99
CA ALA B 153 -5.28 14.18 -5.03
C ALA B 153 -4.27 15.22 -4.54
N LYS B 154 -3.07 15.14 -5.10
CA LYS B 154 -1.98 16.09 -4.83
C LYS B 154 -1.34 16.52 -6.15
N ILE B 155 -0.95 17.80 -6.23
CA ILE B 155 -0.20 18.31 -7.35
C ILE B 155 1.27 17.93 -7.20
N SER B 156 1.90 17.48 -8.30
CA SER B 156 3.31 17.11 -8.30
C SER B 156 4.07 17.84 -9.41
N ASP B 157 5.35 17.49 -9.55
CA ASP B 157 6.17 17.84 -10.72
C ASP B 157 6.38 19.36 -10.86
N PHE B 158 7.21 19.88 -9.98
CA PHE B 158 7.55 21.29 -9.93
C PHE B 158 8.83 21.62 -10.71
N GLY B 159 9.25 20.72 -11.61
CA GLY B 159 10.48 20.92 -12.34
C GLY B 159 10.47 22.16 -13.23
N LEU B 160 9.29 22.64 -13.59
CA LEU B 160 9.17 23.85 -14.41
C LEU B 160 8.68 25.06 -13.64
N SER B 161 8.47 24.93 -12.32
CA SER B 161 7.82 26.00 -11.58
C SER B 161 8.78 27.14 -11.30
N LYS B 162 8.23 28.35 -11.20
CA LYS B 162 9.04 29.55 -10.98
C LYS B 162 8.40 30.40 -9.88
N ALA B 163 9.25 30.99 -9.03
CA ALA B 163 8.79 31.99 -8.08
C ALA B 163 8.70 33.33 -8.79
N LEU B 164 7.56 33.99 -8.68
CA LEU B 164 7.34 35.24 -9.39
C LEU B 164 8.13 36.39 -8.75
N ARG B 165 8.61 37.29 -9.59
CA ARG B 165 9.25 38.51 -9.11
C ARG B 165 8.28 39.31 -8.24
N ALA B 166 8.85 40.12 -7.34
CA ALA B 166 8.02 40.91 -6.43
C ALA B 166 7.23 41.97 -7.18
N ASP B 167 7.63 42.33 -8.40
CA ASP B 167 7.03 43.43 -9.13
C ASP B 167 6.24 43.01 -10.37
N GLU B 168 6.12 41.72 -10.67
CA GLU B 168 5.33 41.29 -11.81
C GLU B 168 4.51 40.07 -11.43
N ASN B 169 3.35 39.90 -12.08
CA ASN B 169 2.54 38.72 -11.88
C ASN B 169 2.80 37.63 -12.92
N TYR B 170 3.87 37.76 -13.70
CA TYR B 170 4.20 36.77 -14.72
C TYR B 170 5.69 36.51 -14.74
N TYR B 171 6.04 35.31 -15.21
CA TYR B 171 7.42 34.92 -15.47
C TYR B 171 7.64 34.90 -16.98
N LYS B 172 8.76 35.45 -17.43
CA LYS B 172 9.07 35.56 -18.85
C LYS B 172 10.07 34.46 -19.24
N ALA B 173 9.67 33.60 -20.16
CA ALA B 173 10.51 32.50 -20.61
C ALA B 173 11.45 32.96 -21.72
N GLN B 174 12.52 32.19 -21.92
CA GLN B 174 13.50 32.45 -22.97
C GLN B 174 13.39 31.32 -24.00
N THR B 175 12.45 31.47 -24.92
CA THR B 175 12.24 30.54 -26.03
C THR B 175 12.07 29.10 -25.56
N LYS B 178 10.99 22.09 -24.85
CA LYS B 178 10.19 21.03 -24.23
C LYS B 178 9.00 21.64 -23.48
N TRP B 179 7.93 21.96 -24.20
CA TRP B 179 6.77 22.59 -23.61
C TRP B 179 5.52 21.78 -23.91
N PRO B 180 4.71 21.46 -22.89
CA PRO B 180 3.42 20.80 -23.14
C PRO B 180 2.42 21.75 -23.80
N VAL B 181 2.57 21.96 -25.11
CA VAL B 181 1.85 23.03 -25.81
C VAL B 181 0.34 22.86 -25.73
N LYS B 182 -0.15 21.62 -25.70
CA LYS B 182 -1.58 21.39 -25.61
C LYS B 182 -2.17 21.84 -24.27
N TRP B 183 -1.33 22.17 -23.30
CA TRP B 183 -1.78 22.68 -22.01
C TRP B 183 -1.51 24.17 -21.84
N TYR B 184 -0.91 24.83 -22.83
CA TYR B 184 -0.43 26.20 -22.65
C TYR B 184 -1.42 27.22 -23.18
N ALA B 185 -1.64 28.27 -22.38
CA ALA B 185 -2.51 29.36 -22.77
C ALA B 185 -1.90 30.15 -23.92
N PRO B 186 -2.73 30.88 -24.69
CA PRO B 186 -2.20 31.56 -25.89
C PRO B 186 -1.06 32.52 -25.60
N GLU B 187 -1.09 33.20 -24.46
CA GLU B 187 -0.03 34.14 -24.14
C GLU B 187 1.29 33.42 -23.85
N CYS B 188 1.23 32.16 -23.40
CA CYS B 188 2.45 31.38 -23.24
C CYS B 188 3.09 31.09 -24.59
N ILE B 189 2.29 30.68 -25.57
CA ILE B 189 2.80 30.34 -26.88
C ILE B 189 3.33 31.58 -27.59
N ASN B 190 2.61 32.68 -27.50
CA ASN B 190 2.90 33.86 -28.32
C ASN B 190 3.85 34.84 -27.67
N TYR B 191 3.81 34.99 -26.35
CA TYR B 191 4.64 35.97 -25.66
C TYR B 191 5.54 35.36 -24.59
N TYR B 192 5.49 34.04 -24.40
CA TYR B 192 6.34 33.34 -23.44
C TYR B 192 6.06 33.79 -22.00
N LYS B 193 4.86 34.27 -21.74
CA LYS B 193 4.50 34.82 -20.44
C LYS B 193 3.70 33.81 -19.63
N PHE B 194 4.21 33.45 -18.46
CA PHE B 194 3.60 32.45 -17.59
C PHE B 194 3.18 33.09 -16.27
N SER B 195 1.88 33.03 -15.97
CA SER B 195 1.29 33.60 -14.76
C SER B 195 0.38 32.55 -14.13
N SER B 196 -0.21 32.90 -12.99
CA SER B 196 -1.22 32.02 -12.41
C SER B 196 -2.43 31.88 -13.32
N LYS B 197 -2.77 32.95 -14.06
CA LYS B 197 -3.82 32.87 -15.07
C LYS B 197 -3.51 31.83 -16.13
N SER B 198 -2.24 31.70 -16.52
CA SER B 198 -1.92 30.67 -17.51
C SER B 198 -1.98 29.28 -16.89
N ASP B 199 -1.70 29.14 -15.58
CA ASP B 199 -1.99 27.87 -14.89
C ASP B 199 -3.47 27.56 -14.91
N VAL B 200 -4.33 28.59 -14.83
CA VAL B 200 -5.78 28.38 -14.87
C VAL B 200 -6.19 27.78 -16.21
N TRP B 201 -5.58 28.25 -17.30
CA TRP B 201 -5.84 27.66 -18.61
C TRP B 201 -5.48 26.18 -18.63
N SER B 202 -4.27 25.86 -18.18
CA SER B 202 -3.85 24.46 -18.04
C SER B 202 -4.82 23.68 -17.18
N PHE B 203 -5.31 24.28 -16.08
CA PHE B 203 -6.29 23.62 -15.22
C PHE B 203 -7.55 23.28 -16.00
N GLY B 204 -7.98 24.16 -16.90
CA GLY B 204 -9.12 23.83 -17.75
C GLY B 204 -8.87 22.58 -18.59
N VAL B 205 -7.66 22.44 -19.14
CA VAL B 205 -7.33 21.24 -19.88
C VAL B 205 -7.32 20.03 -18.92
N LEU B 206 -6.72 20.20 -17.74
CA LEU B 206 -6.74 19.15 -16.73
C LEU B 206 -8.16 18.67 -16.44
N MET B 207 -9.07 19.61 -16.23
CA MET B 207 -10.47 19.25 -16.00
C MET B 207 -11.00 18.42 -17.15
N TRP B 208 -10.73 18.85 -18.38
CA TRP B 208 -11.18 18.10 -19.54
C TRP B 208 -10.58 16.69 -19.55
N GLU B 209 -9.32 16.56 -19.14
CA GLU B 209 -8.70 15.24 -19.06
C GLU B 209 -9.38 14.39 -18.01
N ALA B 210 -9.65 14.97 -16.84
CA ALA B 210 -10.23 14.21 -15.74
C ALA B 210 -11.59 13.65 -16.13
N PHE B 211 -12.45 14.51 -16.67
CA PHE B 211 -13.79 14.08 -17.05
C PHE B 211 -13.81 13.23 -18.31
N SER B 212 -12.68 13.13 -19.04
CA SER B 212 -12.52 12.20 -20.14
C SER B 212 -11.73 10.96 -19.73
N TYR B 213 -11.64 10.69 -18.43
CA TYR B 213 -10.97 9.49 -17.89
C TYR B 213 -9.57 9.31 -18.47
N GLY B 214 -8.84 10.43 -18.54
CA GLY B 214 -7.45 10.39 -18.87
C GLY B 214 -7.12 10.36 -20.34
N GLN B 215 -8.10 10.59 -21.21
CA GLN B 215 -7.78 10.72 -22.63
C GLN B 215 -6.90 11.95 -22.83
N LYS B 216 -6.02 11.87 -23.84
CA LYS B 216 -5.18 13.00 -24.16
C LYS B 216 -6.00 14.10 -24.83
N PRO B 217 -5.70 15.36 -24.56
CA PRO B 217 -6.45 16.45 -25.20
C PRO B 217 -6.04 16.63 -26.64
N TYR B 218 -6.96 17.21 -27.43
CA TYR B 218 -6.73 17.51 -28.84
C TYR B 218 -6.18 16.28 -29.58
N ARG B 219 -6.88 15.16 -29.42
CA ARG B 219 -6.46 13.90 -30.03
C ARG B 219 -6.21 14.07 -31.52
N GLY B 220 -5.04 13.60 -31.97
CA GLY B 220 -4.71 13.54 -33.37
C GLY B 220 -4.27 14.85 -33.99
N MET B 221 -4.17 15.93 -33.22
CA MET B 221 -3.84 17.23 -33.78
C MET B 221 -2.39 17.59 -33.47
N LYS B 222 -1.71 18.18 -34.45
CA LYS B 222 -0.40 18.77 -34.19
C LYS B 222 -0.54 20.02 -33.34
N GLY B 223 0.60 20.48 -32.80
CA GLY B 223 0.59 21.66 -31.94
C GLY B 223 0.17 22.91 -32.67
N SER B 224 0.63 23.08 -33.92
CA SER B 224 0.26 24.25 -34.70
C SER B 224 -1.24 24.26 -35.01
N GLU B 225 -1.84 23.08 -35.15
CA GLU B 225 -3.27 23.01 -35.43
C GLU B 225 -4.09 23.36 -34.19
N VAL B 226 -3.59 22.96 -33.01
CA VAL B 226 -4.26 23.36 -31.77
C VAL B 226 -4.23 24.88 -31.62
N THR B 227 -3.06 25.49 -31.85
CA THR B 227 -2.96 26.95 -31.77
C THR B 227 -3.93 27.62 -32.74
N ALA B 228 -4.00 27.12 -33.98
CA ALA B 228 -4.89 27.73 -34.96
C ALA B 228 -6.36 27.54 -34.59
N MET B 229 -6.71 26.36 -34.08
CA MET B 229 -8.06 26.13 -33.59
C MET B 229 -8.42 27.11 -32.48
N LEU B 230 -7.52 27.32 -31.53
CA LEU B 230 -7.81 28.22 -30.41
C LEU B 230 -7.88 29.67 -30.88
N GLU B 231 -7.04 30.05 -31.84
CA GLU B 231 -7.08 31.40 -32.38
C GLU B 231 -8.38 31.68 -33.12
N LYS B 232 -9.02 30.63 -33.63
CA LYS B 232 -10.32 30.74 -34.30
C LYS B 232 -11.48 30.83 -33.33
N GLY B 233 -11.23 30.74 -32.02
CA GLY B 233 -12.32 30.72 -31.05
C GLY B 233 -12.93 29.36 -30.79
N GLU B 234 -12.36 28.29 -31.35
CA GLU B 234 -12.90 26.95 -31.14
C GLU B 234 -12.24 26.30 -29.94
N ARG B 235 -12.98 25.38 -29.31
CA ARG B 235 -12.55 24.70 -28.09
C ARG B 235 -12.96 23.23 -28.14
N MET B 236 -12.27 22.42 -27.35
CA MET B 236 -12.64 21.01 -27.21
C MET B 236 -14.09 20.87 -26.75
N GLY B 237 -14.73 19.81 -27.23
CA GLY B 237 -16.10 19.53 -26.87
C GLY B 237 -16.26 18.99 -25.46
N CYS B 238 -17.53 18.85 -25.07
CA CYS B 238 -17.86 18.34 -23.75
C CYS B 238 -17.59 16.85 -23.68
N PRO B 239 -16.83 16.38 -22.68
CA PRO B 239 -16.64 14.93 -22.53
C PRO B 239 -17.96 14.20 -22.31
N ALA B 240 -18.03 12.97 -22.82
CA ALA B 240 -19.24 12.17 -22.66
C ALA B 240 -19.57 12.02 -21.18
N GLY B 241 -20.81 12.35 -20.82
CA GLY B 241 -21.25 12.26 -19.44
C GLY B 241 -20.66 13.28 -18.51
N CYS B 242 -19.87 14.22 -19.02
CA CYS B 242 -19.34 15.28 -18.18
C CYS B 242 -20.46 16.25 -17.81
N PRO B 243 -20.58 16.65 -16.55
CA PRO B 243 -21.66 17.56 -16.15
C PRO B 243 -21.56 18.89 -16.88
N ARG B 244 -22.72 19.54 -17.00
CA ARG B 244 -22.80 20.80 -17.73
C ARG B 244 -21.98 21.89 -17.04
N GLU B 245 -22.20 22.07 -15.73
CA GLU B 245 -21.50 23.13 -15.00
C GLU B 245 -19.99 22.96 -15.05
N MET B 246 -19.50 21.72 -15.20
CA MET B 246 -18.06 21.50 -15.23
C MET B 246 -17.48 21.80 -16.60
N TYR B 247 -18.18 21.45 -17.68
CA TYR B 247 -17.72 21.89 -18.99
C TYR B 247 -17.74 23.41 -19.10
N ASP B 248 -18.78 24.05 -18.55
CA ASP B 248 -18.84 25.51 -18.55
C ASP B 248 -17.65 26.13 -17.83
N LEU B 249 -17.21 25.51 -16.72
CA LEU B 249 -16.02 26.00 -16.02
C LEU B 249 -14.77 25.84 -16.88
N MET B 250 -14.65 24.72 -17.59
CA MET B 250 -13.55 24.54 -18.54
C MET B 250 -13.46 25.71 -19.52
N ASN B 251 -14.58 26.05 -20.17
CA ASN B 251 -14.57 27.13 -21.15
C ASN B 251 -14.19 28.46 -20.53
N LEU B 252 -14.56 28.67 -19.27
CA LEU B 252 -14.16 29.91 -18.60
C LEU B 252 -12.66 29.95 -18.34
N CYS B 253 -12.08 28.79 -17.97
CA CYS B 253 -10.63 28.69 -17.84
C CYS B 253 -9.93 28.96 -19.17
N TRP B 254 -10.58 28.59 -20.27
CA TRP B 254 -10.04 28.81 -21.61
C TRP B 254 -10.43 30.17 -22.17
N THR B 255 -10.62 31.17 -21.32
CA THR B 255 -10.78 32.54 -21.79
C THR B 255 -9.50 32.98 -22.48
N TYR B 256 -9.60 33.40 -23.74
CA TYR B 256 -8.40 33.78 -24.48
C TYR B 256 -7.66 34.90 -23.79
N ASP B 257 -8.38 35.94 -23.37
CA ASP B 257 -7.77 37.12 -22.78
C ASP B 257 -7.36 36.86 -21.33
N VAL B 258 -6.11 37.19 -21.00
CA VAL B 258 -5.60 36.91 -19.65
C VAL B 258 -6.39 37.67 -18.60
N GLU B 259 -6.70 38.95 -18.87
CA GLU B 259 -7.31 39.79 -17.85
C GLU B 259 -8.71 39.30 -17.49
N ASN B 260 -9.46 38.79 -18.47
CA ASN B 260 -10.82 38.32 -18.21
C ASN B 260 -10.88 36.89 -17.71
N ARG B 261 -9.80 36.13 -17.85
CA ARG B 261 -9.78 34.76 -17.35
C ARG B 261 -9.83 34.77 -15.82
N PRO B 262 -10.56 33.84 -15.21
CA PRO B 262 -10.62 33.81 -13.74
C PRO B 262 -9.28 33.40 -13.14
N GLY B 263 -9.12 33.76 -11.86
CA GLY B 263 -8.03 33.24 -11.05
C GLY B 263 -8.48 32.02 -10.28
N PHE B 264 -7.53 31.37 -9.60
CA PHE B 264 -7.88 30.14 -8.91
C PHE B 264 -8.84 30.38 -7.75
N ALA B 265 -8.83 31.60 -7.19
CA ALA B 265 -9.85 31.95 -6.20
C ALA B 265 -11.25 31.71 -6.74
N ALA B 266 -11.54 32.24 -7.94
CA ALA B 266 -12.86 32.09 -8.52
C ALA B 266 -13.12 30.66 -8.97
N VAL B 267 -12.11 30.00 -9.54
CA VAL B 267 -12.29 28.62 -9.97
C VAL B 267 -12.60 27.72 -8.77
N GLU B 268 -11.78 27.83 -7.71
CA GLU B 268 -12.03 27.01 -6.53
C GLU B 268 -13.42 27.26 -5.96
N LEU B 269 -13.82 28.53 -5.90
CA LEU B 269 -15.13 28.88 -5.37
C LEU B 269 -16.25 28.19 -6.14
N ARG B 270 -16.17 28.22 -7.48
CA ARG B 270 -17.23 27.61 -8.28
C ARG B 270 -17.23 26.09 -8.13
N LEU B 271 -16.04 25.48 -8.07
CA LEU B 271 -15.96 24.03 -7.87
C LEU B 271 -16.56 23.64 -6.51
N ARG B 272 -16.21 24.38 -5.46
CA ARG B 272 -16.71 24.04 -4.13
C ARG B 272 -18.23 24.19 -4.05
N ASN B 273 -18.79 25.18 -4.74
CA ASN B 273 -20.23 25.36 -4.74
C ASN B 273 -20.94 24.26 -5.51
N TYR B 274 -20.41 23.89 -6.68
CA TYR B 274 -21.03 22.80 -7.41
C TYR B 274 -20.83 21.48 -6.69
N TYR B 275 -19.70 21.30 -6.00
CA TYR B 275 -19.49 20.10 -5.21
C TYR B 275 -20.40 20.08 -3.98
N TYR B 276 -20.68 21.25 -3.40
CA TYR B 276 -21.62 21.34 -2.27
C TYR B 276 -23.00 20.82 -2.64
N ASP B 277 -23.36 20.88 -3.92
CA ASP B 277 -24.64 20.35 -4.37
C ASP B 277 -24.48 18.94 -4.93
#